data_2UXW
#
_entry.id   2UXW
#
_cell.length_a   75.001
_cell.length_b   108.173
_cell.length_c   149.731
_cell.angle_alpha   90.00
_cell.angle_beta   90.00
_cell.angle_gamma   90.00
#
_symmetry.space_group_name_H-M   'C 2 2 21'
#
loop_
_entity.id
_entity.type
_entity.pdbx_description
1 polymer 'VERY-LONG-CHAIN SPECIFIC ACYL-COA DEHYDROGENASE'
2 non-polymer 1,2-ETHANEDIOL
3 non-polymer 'FLAVIN-ADENINE DINUCLEOTIDE'
4 non-polymer 'TRANS DELTA2 PALMITENOYL-COENZYMEA'
5 water water
#
_entity_poly.entity_id   1
_entity_poly.type   'polypeptide(L)'
_entity_poly.pdbx_seq_one_letter_code
;MHHHHHHSSGVDLGTENLYFQSMSFAVGMFKGQLTTDQVFPYPSVLNEEQTQFLKELVEPVSRFFEEVNDPAKNDALEMV
EETTWQGLKELGAFGLQVPSELGGVGLCNTQYARLVEIVGMHDLGVGITLGAHQSIGFKGILLFGTKAQKEKYLPKLASG
ETVAAFCLTEPSSGSDAASIRTSAVPSPCGKYYTLNGSKLWISNGGLADIFTVFAKTPVTDPATGAVKEKITAFVVERGF
GGITHGPPEKKMGIKASNTAEVFFDGVRVPSENVLGEVGSGFKVAMHILNNGRFGMAAALAGTMRGIIAKAVDHATNRTQ
FGEKIHNFGLIQEKLARMVMLQYVTESMAYMVSANMDQGATDFQIEAAISKIFGSEAAWKVTDECIQIMGGMGFMKEPGV
ERVLRDLRIFRIFEGTNDILRLFVALQGCMDKGKELSGLGSALKNPFGNAGLLLGEAGKQLRRRAGLGSGLSLSGLVHPE
LSRSGELAVRALEQFATVVEAKLIKHKKGIVNEQFLLQRLADGAIDLYAMVVVLSRASRSLSEGHPTAQHEKMLCDTWCI
EAAARIREGMAALQSDPWQQELYRNFKSISKALVERGGVVTSNPLGF
;
_entity_poly.pdbx_strand_id   A
#
loop_
_chem_comp.id
_chem_comp.type
_chem_comp.name
_chem_comp.formula
EDO non-polymer 1,2-ETHANEDIOL 'C2 H6 O2'
FAD non-polymer 'FLAVIN-ADENINE DINUCLEOTIDE' 'C27 H33 N9 O15 P2'
TH3 non-polymer 'TRANS DELTA2 PALMITENOYL-COENZYMEA' 'C37 H64 N7 O17 P3 S'
#
# COMPACT_ATOMS: atom_id res chain seq x y z
N GLN A 21 0.70 -25.04 -7.08
CA GLN A 21 -0.24 -24.43 -6.09
C GLN A 21 0.36 -23.17 -5.48
N SER A 22 -0.48 -22.16 -5.28
CA SER A 22 -0.01 -20.91 -4.69
C SER A 22 0.25 -21.10 -3.20
N MET A 23 1.29 -20.44 -2.70
CA MET A 23 1.58 -20.43 -1.26
C MET A 23 0.95 -19.23 -0.54
N SER A 24 0.19 -18.42 -1.27
CA SER A 24 -0.48 -17.26 -0.71
C SER A 24 -1.71 -17.62 0.13
N PHE A 25 -1.73 -17.17 1.37
CA PHE A 25 -2.92 -17.32 2.20
C PHE A 25 -4.11 -16.66 1.55
N ALA A 26 -3.93 -15.46 1.02
CA ALA A 26 -5.08 -14.75 0.45
C ALA A 26 -5.68 -15.46 -0.78
N VAL A 27 -4.84 -16.00 -1.66
CA VAL A 27 -5.32 -16.79 -2.78
C VAL A 27 -6.10 -17.98 -2.26
N GLY A 28 -5.58 -18.65 -1.24
CA GLY A 28 -6.24 -19.82 -0.72
C GLY A 28 -7.59 -19.53 -0.10
N MET A 29 -7.69 -18.41 0.62
CA MET A 29 -8.90 -18.16 1.38
C MET A 29 -10.11 -17.94 0.46
N PHE A 30 -9.91 -17.39 -0.73
CA PHE A 30 -11.01 -17.26 -1.69
C PHE A 30 -11.52 -18.62 -2.19
N LYS A 31 -10.69 -19.65 -2.04
CA LYS A 31 -11.05 -21.02 -2.44
C LYS A 31 -11.48 -21.87 -1.26
N GLY A 32 -11.56 -21.29 -0.07
CA GLY A 32 -11.94 -22.04 1.11
C GLY A 32 -10.84 -22.96 1.62
N GLN A 33 -9.60 -22.60 1.31
CA GLN A 33 -8.42 -23.33 1.74
C GLN A 33 -7.64 -22.56 2.82
N LEU A 34 -6.96 -23.30 3.67
CA LEU A 34 -6.03 -22.71 4.64
C LEU A 34 -4.63 -22.98 4.16
N THR A 35 -4.03 -22.02 3.46
CA THR A 35 -2.67 -22.16 2.98
C THR A 35 -1.83 -21.30 3.88
N THR A 36 -1.09 -21.93 4.79
CA THR A 36 -0.55 -21.20 5.93
C THR A 36 0.95 -21.02 5.93
N ASP A 37 1.63 -21.51 4.90
CA ASP A 37 3.08 -21.44 4.84
C ASP A 37 3.64 -20.02 4.96
N GLN A 38 2.95 -19.02 4.40
CA GLN A 38 3.45 -17.65 4.42
C GLN A 38 2.87 -16.83 5.58
N VAL A 39 2.22 -17.51 6.53
CA VAL A 39 1.62 -16.81 7.65
C VAL A 39 2.06 -17.39 9.00
N PHE A 40 2.10 -18.72 9.14
CA PHE A 40 2.50 -19.38 10.40
C PHE A 40 3.75 -20.24 10.20
N PRO A 41 4.71 -20.19 11.15
CA PRO A 41 4.72 -19.28 12.28
C PRO A 41 5.08 -17.87 11.80
N TYR A 42 4.78 -16.87 12.62
CA TYR A 42 5.04 -15.49 12.19
C TYR A 42 6.52 -15.41 11.84
N PRO A 43 6.81 -14.96 10.62
CA PRO A 43 8.18 -15.14 10.10
C PRO A 43 9.27 -14.36 10.80
N SER A 44 10.43 -15.00 10.93
CA SER A 44 11.63 -14.28 11.35
C SER A 44 12.66 -14.52 10.27
N VAL A 45 13.23 -13.45 9.76
CA VAL A 45 14.05 -13.58 8.57
C VAL A 45 15.46 -13.07 8.76
N LEU A 46 15.73 -12.25 9.77
CA LEU A 46 17.07 -11.66 9.91
C LEU A 46 18.04 -12.59 10.59
N ASN A 47 19.27 -12.68 10.07
CA ASN A 47 20.32 -13.38 10.79
C ASN A 47 20.94 -12.45 11.86
N GLU A 48 21.80 -13.02 12.69
CA GLU A 48 22.32 -12.24 13.83
C GLU A 48 23.07 -11.00 13.40
N GLU A 49 23.85 -11.12 12.33
CA GLU A 49 24.58 -9.97 11.83
C GLU A 49 23.68 -8.87 11.24
N GLN A 50 22.62 -9.27 10.55
CA GLN A 50 21.65 -8.30 10.04
C GLN A 50 20.95 -7.57 11.17
N THR A 51 20.64 -8.32 12.22
CA THR A 51 19.99 -7.73 13.40
C THR A 51 20.89 -6.69 14.06
N GLN A 52 22.15 -7.05 14.30
CA GLN A 52 23.06 -6.10 14.91
C GLN A 52 23.29 -4.87 14.02
N PHE A 53 23.43 -5.08 12.72
CA PHE A 53 23.64 -3.97 11.80
C PHE A 53 22.45 -3.00 11.83
N LEU A 54 21.25 -3.58 11.84
CA LEU A 54 20.03 -2.79 11.89
C LEU A 54 19.96 -1.97 13.17
N LYS A 55 20.29 -2.58 14.30
CA LYS A 55 20.36 -1.82 15.55
C LYS A 55 21.28 -0.62 15.45
N GLU A 56 22.45 -0.80 14.87
CA GLU A 56 23.40 0.30 14.71
C GLU A 56 22.97 1.39 13.73
N LEU A 57 21.94 1.11 12.93
CA LEU A 57 21.34 2.13 12.04
C LEU A 57 20.15 2.82 12.67
N VAL A 58 19.34 2.07 13.41
CA VAL A 58 18.16 2.65 14.07
C VAL A 58 18.56 3.82 14.96
N GLU A 59 19.68 3.70 15.65
CA GLU A 59 20.07 4.74 16.59
C GLU A 59 20.32 6.08 15.89
N PRO A 60 21.29 6.12 14.96
CA PRO A 60 21.52 7.39 14.27
C PRO A 60 20.34 7.93 13.44
N VAL A 61 19.56 7.05 12.84
CA VAL A 61 18.41 7.52 12.08
C VAL A 61 17.39 8.15 13.03
N SER A 62 17.12 7.51 14.17
CA SER A 62 16.21 8.11 15.14
C SER A 62 16.74 9.46 15.64
N ARG A 63 18.01 9.53 16.00
CA ARG A 63 18.54 10.79 16.53
C ARG A 63 18.44 11.91 15.48
N PHE A 64 18.65 11.56 14.23
CA PHE A 64 18.57 12.54 13.16
C PHE A 64 17.18 13.13 13.10
N PHE A 65 16.15 12.28 13.15
CA PHE A 65 14.81 12.80 13.10
C PHE A 65 14.39 13.54 14.37
N GLU A 66 14.96 13.15 15.50
CA GLU A 66 14.68 13.83 16.75
C GLU A 66 15.37 15.18 16.85
N GLU A 67 16.57 15.29 16.31
CA GLU A 67 17.44 16.42 16.61
C GLU A 67 17.70 17.37 15.43
N VAL A 68 17.58 16.88 14.20
CA VAL A 68 17.94 17.69 13.03
C VAL A 68 16.69 18.05 12.23
N ASN A 69 15.88 17.07 11.86
CA ASN A 69 14.66 17.35 11.13
C ASN A 69 13.62 18.12 11.95
N ASP A 70 12.89 19.02 11.30
CA ASP A 70 11.80 19.76 11.95
C ASP A 70 10.57 19.68 11.04
N PRO A 71 9.66 18.74 11.35
CA PRO A 71 8.55 18.52 10.44
C PRO A 71 7.64 19.71 10.29
N ALA A 72 7.45 20.50 11.34
CA ALA A 72 6.59 21.66 11.23
C ALA A 72 7.23 22.70 10.33
N LYS A 73 8.54 22.84 10.40
CA LYS A 73 9.24 23.78 9.55
C LYS A 73 9.16 23.35 8.09
N ASN A 74 9.39 22.07 7.81
CA ASN A 74 9.33 21.62 6.42
C ASN A 74 7.92 21.89 5.86
N ASP A 75 6.89 21.64 6.65
CA ASP A 75 5.48 21.88 6.24
C ASP A 75 5.27 23.35 5.96
N ALA A 76 5.83 24.22 6.80
CA ALA A 76 5.63 25.66 6.65
C ALA A 76 6.36 26.20 5.43
N LEU A 77 7.55 25.67 5.18
CA LEU A 77 8.39 26.08 4.05
C LEU A 77 7.99 25.47 2.72
N GLU A 78 7.18 24.41 2.80
CA GLU A 78 6.78 23.64 1.63
C GLU A 78 7.99 23.06 0.87
N MET A 79 8.99 22.65 1.65
CA MET A 79 10.16 21.95 1.13
C MET A 79 10.95 21.42 2.31
N VAL A 80 11.80 20.43 2.08
CA VAL A 80 12.68 19.95 3.13
C VAL A 80 13.86 20.91 3.37
N GLU A 81 14.07 21.31 4.61
CA GLU A 81 15.16 22.25 4.90
C GLU A 81 16.48 21.71 4.38
N GLU A 82 17.30 22.61 3.85
CA GLU A 82 18.54 22.21 3.20
C GLU A 82 19.46 21.39 4.11
N THR A 83 19.63 21.81 5.35
CA THR A 83 20.50 21.05 6.27
C THR A 83 19.97 19.62 6.47
N THR A 84 18.65 19.47 6.53
CA THR A 84 18.03 18.16 6.65
C THR A 84 18.25 17.33 5.39
N TRP A 85 18.04 17.96 4.25
CA TRP A 85 18.20 17.30 2.96
C TRP A 85 19.64 16.77 2.80
N GLN A 86 20.62 17.65 3.02
CA GLN A 86 22.00 17.22 2.96
C GLN A 86 22.37 16.17 4.01
N GLY A 87 21.81 16.30 5.21
CA GLY A 87 22.04 15.32 6.25
C GLY A 87 21.52 13.95 5.90
N LEU A 88 20.37 13.88 5.25
CA LEU A 88 19.79 12.61 4.80
C LEU A 88 20.65 11.93 3.75
N LYS A 89 21.22 12.71 2.85
CA LYS A 89 22.14 12.16 1.88
C LYS A 89 23.33 11.54 2.60
N GLU A 90 23.86 12.25 3.59
CA GLU A 90 25.04 11.76 4.32
C GLU A 90 24.74 10.51 5.15
N LEU A 91 23.49 10.38 5.57
CA LEU A 91 23.05 9.29 6.42
C LEU A 91 22.87 8.00 5.63
N GLY A 92 22.90 8.11 4.31
CA GLY A 92 22.60 6.98 3.44
C GLY A 92 21.14 6.74 3.08
N ALA A 93 20.28 7.66 3.48
CA ALA A 93 18.83 7.51 3.36
C ALA A 93 18.26 7.49 1.95
N PHE A 94 19.07 7.84 0.94
CA PHE A 94 18.61 7.82 -0.45
C PHE A 94 18.87 6.49 -1.13
N GLY A 95 19.54 5.57 -0.44
CA GLY A 95 19.88 4.27 -1.05
C GLY A 95 19.81 3.11 -0.08
N LEU A 96 18.77 3.06 0.72
CA LEU A 96 18.70 2.06 1.76
C LEU A 96 18.75 0.63 1.24
N GLN A 97 18.11 0.36 0.11
CA GLN A 97 18.06 -1.03 -0.43
C GLN A 97 19.02 -1.30 -1.58
N VAL A 98 19.87 -0.33 -1.89
CA VAL A 98 20.84 -0.52 -2.94
C VAL A 98 21.98 -1.33 -2.34
N PRO A 99 22.42 -2.40 -3.03
CA PRO A 99 23.54 -3.19 -2.49
C PRO A 99 24.75 -2.33 -2.16
N SER A 100 25.49 -2.72 -1.14
CA SER A 100 26.67 -1.99 -0.71
C SER A 100 27.72 -1.81 -1.83
N GLU A 101 27.82 -2.80 -2.72
CA GLU A 101 28.81 -2.75 -3.81
C GLU A 101 28.45 -1.68 -4.83
N LEU A 102 27.20 -1.23 -4.80
CA LEU A 102 26.71 -0.23 -5.74
C LEU A 102 26.41 1.08 -5.03
N GLY A 103 26.97 1.24 -3.85
CA GLY A 103 26.95 2.51 -3.14
C GLY A 103 25.89 2.66 -2.07
N GLY A 104 25.09 1.61 -1.86
CA GLY A 104 24.00 1.68 -0.90
C GLY A 104 24.26 1.09 0.45
N VAL A 105 23.20 1.01 1.25
CA VAL A 105 23.26 0.51 2.62
C VAL A 105 23.03 -1.01 2.65
N GLY A 106 22.46 -1.56 1.57
CA GLY A 106 22.33 -2.99 1.40
C GLY A 106 21.27 -3.68 2.25
N LEU A 107 20.21 -2.98 2.61
CA LEU A 107 19.20 -3.56 3.50
C LEU A 107 18.21 -4.44 2.76
N CYS A 108 17.71 -5.48 3.43
CA CYS A 108 16.61 -6.29 2.90
C CYS A 108 15.28 -5.62 3.23
N ASN A 109 14.16 -6.20 2.81
CA ASN A 109 12.88 -5.53 2.97
C ASN A 109 12.48 -5.33 4.43
N THR A 110 12.75 -6.33 5.26
CA THR A 110 12.44 -6.24 6.68
C THR A 110 13.28 -5.19 7.42
N GLN A 111 14.57 -5.09 7.08
CA GLN A 111 15.39 -4.01 7.62
C GLN A 111 14.88 -2.64 7.16
N TYR A 112 14.54 -2.54 5.88
CA TYR A 112 13.98 -1.30 5.32
C TYR A 112 12.70 -0.91 6.05
N ALA A 113 11.81 -1.87 6.30
CA ALA A 113 10.56 -1.58 7.03
C ALA A 113 10.85 -0.95 8.37
N ARG A 114 11.86 -1.45 9.08
CA ARG A 114 12.21 -0.91 10.39
C ARG A 114 12.65 0.54 10.33
N LEU A 115 13.39 0.92 9.29
CA LEU A 115 13.80 2.31 9.19
C LEU A 115 12.66 3.19 8.68
N VAL A 116 11.87 2.68 7.74
CA VAL A 116 10.73 3.44 7.23
C VAL A 116 9.75 3.78 8.35
N GLU A 117 9.59 2.90 9.34
CA GLU A 117 8.70 3.21 10.45
C GLU A 117 9.21 4.39 11.26
N ILE A 118 10.53 4.61 11.31
CA ILE A 118 11.04 5.79 12.00
C ILE A 118 10.63 7.05 11.24
N VAL A 119 10.83 7.05 9.93
CA VAL A 119 10.48 8.18 9.11
C VAL A 119 8.98 8.43 9.18
N GLY A 120 8.18 7.39 9.11
CA GLY A 120 6.73 7.57 9.19
C GLY A 120 6.28 8.13 10.52
N MET A 121 6.96 7.75 11.60
CA MET A 121 6.64 8.28 12.91
C MET A 121 6.85 9.78 13.00
N HIS A 122 7.87 10.26 12.33
CA HIS A 122 8.35 11.65 12.45
C HIS A 122 7.93 12.63 11.37
N ASP A 123 7.91 12.22 10.10
CA ASP A 123 7.74 13.19 9.00
C ASP A 123 7.35 12.52 7.69
N LEU A 124 6.07 12.47 7.43
CA LEU A 124 5.56 11.81 6.24
C LEU A 124 5.91 12.58 4.97
N GLY A 125 6.15 13.89 5.06
CA GLY A 125 6.57 14.65 3.90
C GLY A 125 7.96 14.24 3.44
N VAL A 126 8.89 14.15 4.40
CA VAL A 126 10.22 13.60 4.12
C VAL A 126 10.06 12.16 3.64
N GLY A 127 9.18 11.40 4.27
CA GLY A 127 8.94 10.02 3.88
C GLY A 127 8.54 9.87 2.42
N ILE A 128 7.64 10.71 1.93
CA ILE A 128 7.23 10.57 0.55
C ILE A 128 8.32 10.98 -0.39
N THR A 129 9.09 12.03 -0.07
CA THR A 129 10.18 12.38 -0.99
C THR A 129 11.21 11.24 -1.08
N LEU A 130 11.58 10.65 0.05
CA LEU A 130 12.53 9.51 0.03
C LEU A 130 11.92 8.27 -0.59
N GLY A 131 10.64 8.02 -0.36
CA GLY A 131 9.99 6.87 -0.96
C GLY A 131 9.75 7.02 -2.46
N ALA A 132 9.31 8.19 -2.89
CA ALA A 132 9.20 8.47 -4.32
C ALA A 132 10.56 8.22 -5.00
N HIS A 133 11.64 8.61 -4.33
CA HIS A 133 12.97 8.37 -4.85
C HIS A 133 13.24 6.86 -4.99
N GLN A 134 13.19 6.11 -3.90
CA GLN A 134 13.74 4.75 -3.90
C GLN A 134 12.74 3.61 -3.83
N SER A 135 11.56 3.84 -3.26
CA SER A 135 10.58 2.77 -3.21
C SER A 135 9.96 2.56 -4.58
N ILE A 136 9.83 3.64 -5.36
CA ILE A 136 9.29 3.54 -6.71
C ILE A 136 10.11 4.24 -7.79
N GLY A 137 10.80 5.32 -7.47
CA GLY A 137 11.47 6.14 -8.50
C GLY A 137 12.56 5.45 -9.30
N PHE A 138 13.41 4.69 -8.61
CA PHE A 138 14.41 3.90 -9.31
C PHE A 138 14.30 2.40 -9.00
N LYS A 139 13.23 2.02 -8.32
CA LYS A 139 13.01 0.64 -7.92
C LYS A 139 13.05 -0.28 -9.13
N GLY A 140 12.62 0.19 -10.29
CA GLY A 140 12.59 -0.63 -11.47
C GLY A 140 13.99 -1.00 -11.93
N ILE A 141 14.98 -0.15 -11.64
CA ILE A 141 16.35 -0.49 -11.98
C ILE A 141 16.82 -1.62 -11.07
N LEU A 142 16.42 -1.57 -9.81
CA LEU A 142 16.75 -2.64 -8.88
C LEU A 142 16.12 -3.96 -9.31
N LEU A 143 14.87 -3.90 -9.78
CA LEU A 143 14.10 -5.12 -10.10
C LEU A 143 14.37 -5.66 -11.50
N PHE A 144 14.61 -4.78 -12.45
CA PHE A 144 14.64 -5.18 -13.86
C PHE A 144 15.86 -4.69 -14.59
N GLY A 145 16.71 -3.96 -13.89
CA GLY A 145 17.90 -3.43 -14.52
C GLY A 145 18.88 -4.48 -15.01
N THR A 146 19.53 -4.20 -16.13
CA THR A 146 20.66 -5.02 -16.53
C THR A 146 21.86 -4.66 -15.65
N LYS A 147 22.91 -5.47 -15.71
CA LYS A 147 24.13 -5.17 -14.97
C LYS A 147 24.66 -3.78 -15.34
N ALA A 148 24.68 -3.47 -16.63
CA ALA A 148 25.15 -2.17 -17.10
C ALA A 148 24.32 -1.02 -16.52
N GLN A 149 23.00 -1.17 -16.53
CA GLN A 149 22.12 -0.11 -16.02
C GLN A 149 22.32 0.06 -14.52
N LYS A 150 22.40 -1.04 -13.78
CA LYS A 150 22.61 -0.96 -12.35
C LYS A 150 23.92 -0.26 -12.04
N GLU A 151 24.98 -0.63 -12.74
CA GLU A 151 26.28 -0.06 -12.41
C GLU A 151 26.36 1.42 -12.79
N LYS A 152 25.72 1.80 -13.90
CA LYS A 152 25.73 3.18 -14.35
C LYS A 152 24.94 4.11 -13.43
N TYR A 153 23.76 3.68 -12.98
CA TYR A 153 22.84 4.60 -12.32
C TYR A 153 22.78 4.49 -10.80
N LEU A 154 22.92 3.30 -10.23
CA LEU A 154 22.63 3.15 -8.79
C LEU A 154 23.56 3.89 -7.83
N PRO A 155 24.87 3.98 -8.14
CA PRO A 155 25.71 4.69 -7.19
C PRO A 155 25.27 6.14 -6.89
N LYS A 156 24.98 6.93 -7.92
CA LYS A 156 24.55 8.31 -7.71
C LYS A 156 23.11 8.42 -7.21
N LEU A 157 22.27 7.43 -7.50
CA LEU A 157 20.96 7.39 -6.89
C LEU A 157 21.09 7.15 -5.37
N ALA A 158 21.98 6.23 -4.97
CA ALA A 158 22.11 5.87 -3.58
C ALA A 158 22.67 6.96 -2.70
N SER A 159 23.49 7.82 -3.29
CA SER A 159 24.10 8.92 -2.55
C SER A 159 23.18 10.14 -2.55
N GLY A 160 22.13 10.10 -3.35
CA GLY A 160 21.26 11.25 -3.52
C GLY A 160 21.82 12.33 -4.45
N GLU A 161 22.94 12.06 -5.11
CA GLU A 161 23.46 12.99 -6.10
C GLU A 161 22.48 13.13 -7.26
N THR A 162 21.82 12.05 -7.64
CA THR A 162 20.73 12.12 -8.60
C THR A 162 19.46 11.62 -7.92
N VAL A 163 18.46 12.48 -7.81
CA VAL A 163 17.16 12.10 -7.27
C VAL A 163 16.31 11.48 -8.39
N ALA A 164 15.45 10.53 -8.02
CA ALA A 164 14.58 9.82 -8.97
C ALA A 164 13.12 10.14 -8.77
N ALA A 165 12.36 9.88 -9.82
CA ALA A 165 10.91 10.04 -9.83
C ALA A 165 10.27 9.01 -10.73
N PHE A 166 9.10 8.56 -10.31
CA PHE A 166 8.28 7.56 -11.02
C PHE A 166 7.21 8.30 -11.80
N CYS A 167 7.27 8.18 -13.13
CA CYS A 167 6.47 9.03 -14.03
C CYS A 167 5.43 8.20 -14.80
N LEU A 168 4.25 8.04 -14.22
CA LEU A 168 3.18 7.23 -14.81
C LEU A 168 1.97 8.12 -15.09
N THR A 169 1.44 8.76 -14.05
CA THR A 169 0.19 9.53 -14.12
C THR A 169 0.24 10.65 -15.13
N GLU A 170 -0.87 10.82 -15.84
CA GLU A 170 -1.07 11.91 -16.80
C GLU A 170 -2.41 12.59 -16.54
N PRO A 171 -2.63 13.77 -17.13
CA PRO A 171 -3.92 14.43 -16.96
C PRO A 171 -5.12 13.52 -17.23
N SER A 172 -5.01 12.64 -18.21
CA SER A 172 -6.14 11.78 -18.59
C SER A 172 -6.17 10.45 -17.88
N SER A 173 -5.07 10.07 -17.22
CA SER A 173 -4.87 8.68 -16.82
C SER A 173 -4.27 8.62 -15.45
N GLY A 174 -4.99 8.06 -14.50
CA GLY A 174 -4.52 7.88 -13.14
C GLY A 174 -4.64 6.44 -12.74
N SER A 175 -5.85 6.05 -12.37
CA SER A 175 -6.11 4.66 -12.03
C SER A 175 -5.93 3.72 -13.22
N ASP A 176 -6.26 4.20 -14.41
CA ASP A 176 -6.22 3.39 -15.62
C ASP A 176 -4.90 3.65 -16.32
N ALA A 177 -3.86 2.99 -15.83
CA ALA A 177 -2.51 3.16 -16.37
C ALA A 177 -2.43 2.77 -17.84
N ALA A 178 -3.25 1.80 -18.24
CA ALA A 178 -3.19 1.31 -19.60
C ALA A 178 -3.59 2.37 -20.64
N SER A 179 -4.24 3.42 -20.17
CA SER A 179 -4.77 4.45 -21.05
C SER A 179 -3.81 5.62 -21.29
N ILE A 180 -2.58 5.53 -20.78
CA ILE A 180 -1.65 6.66 -20.95
C ILE A 180 -1.37 6.98 -22.41
N ARG A 181 -1.00 8.23 -22.66
CA ARG A 181 -0.83 8.77 -24.02
C ARG A 181 0.59 9.19 -24.36
N THR A 182 1.44 9.37 -23.36
CA THR A 182 2.82 9.70 -23.60
C THR A 182 3.35 8.66 -24.57
N SER A 183 4.11 9.08 -25.57
CA SER A 183 4.57 8.18 -26.63
C SER A 183 6.08 8.15 -26.78
N ALA A 184 6.59 7.02 -27.26
CA ALA A 184 8.02 6.83 -27.51
C ALA A 184 8.13 6.10 -28.84
N VAL A 185 8.67 6.80 -29.83
CA VAL A 185 8.75 6.30 -31.19
C VAL A 185 10.19 5.93 -31.53
N PRO A 186 10.42 4.69 -32.01
CA PRO A 186 11.77 4.26 -32.33
C PRO A 186 12.32 4.92 -33.58
N SER A 187 13.62 5.20 -33.55
CA SER A 187 14.35 5.69 -34.70
C SER A 187 14.50 4.59 -35.74
N PRO A 188 14.62 4.97 -37.02
CA PRO A 188 14.89 4.01 -38.08
C PRO A 188 16.15 3.18 -37.80
N CYS A 189 17.18 3.83 -37.26
CA CYS A 189 18.45 3.18 -36.95
C CYS A 189 18.32 2.22 -35.77
N GLY A 190 17.31 2.46 -34.92
CA GLY A 190 17.05 1.60 -33.76
C GLY A 190 17.87 1.97 -32.54
N LYS A 191 18.60 3.08 -32.63
CA LYS A 191 19.56 3.48 -31.61
C LYS A 191 18.89 4.29 -30.50
N TYR A 192 17.70 4.82 -30.76
CA TYR A 192 17.02 5.63 -29.76
C TYR A 192 15.53 5.72 -30.01
N TYR A 193 14.82 6.17 -28.99
CA TYR A 193 13.40 6.47 -29.08
C TYR A 193 13.20 7.96 -28.84
N THR A 194 12.19 8.54 -29.48
CA THR A 194 11.86 9.94 -29.27
C THR A 194 10.60 9.98 -28.40
N LEU A 195 10.74 10.55 -27.20
CA LEU A 195 9.68 10.55 -26.19
C LEU A 195 8.98 11.90 -26.12
N ASN A 196 7.65 11.87 -26.10
CA ASN A 196 6.83 13.06 -26.07
C ASN A 196 5.64 12.83 -25.17
N GLY A 197 5.41 13.75 -24.25
CA GLY A 197 4.22 13.70 -23.43
C GLY A 197 4.36 14.52 -22.19
N SER A 198 3.39 14.41 -21.32
CA SER A 198 3.47 15.13 -20.06
C SER A 198 2.91 14.23 -18.98
N LYS A 199 3.48 14.39 -17.79
CA LYS A 199 3.12 13.62 -16.63
C LYS A 199 2.66 14.57 -15.54
N LEU A 200 1.77 14.10 -14.68
CA LEU A 200 1.06 14.95 -13.73
C LEU A 200 1.25 14.46 -12.30
N TRP A 201 1.44 15.40 -11.37
CA TRP A 201 1.52 15.11 -9.93
C TRP A 201 2.66 14.17 -9.62
N ILE A 202 3.80 14.41 -10.23
CA ILE A 202 4.96 13.53 -10.02
C ILE A 202 5.75 13.96 -8.79
N SER A 203 5.84 13.08 -7.82
CA SER A 203 6.63 13.35 -6.62
C SER A 203 8.11 13.40 -7.01
N ASN A 204 8.78 14.46 -6.58
CA ASN A 204 10.14 14.80 -7.00
C ASN A 204 10.27 15.22 -8.46
N GLY A 205 9.18 15.50 -9.14
CA GLY A 205 9.29 15.88 -10.56
C GLY A 205 10.17 17.09 -10.81
N GLY A 206 10.20 18.03 -9.87
CA GLY A 206 11.03 19.22 -9.97
C GLY A 206 12.42 19.09 -9.40
N LEU A 207 12.72 17.93 -8.84
CA LEU A 207 13.99 17.68 -8.15
C LEU A 207 14.81 16.61 -8.87
N ALA A 208 14.13 15.73 -9.59
CA ALA A 208 14.75 14.52 -10.12
C ALA A 208 15.63 14.76 -11.30
N ASP A 209 16.71 14.00 -11.37
CA ASP A 209 17.54 13.95 -12.57
C ASP A 209 17.40 12.61 -13.30
N ILE A 210 16.76 11.64 -12.65
CA ILE A 210 16.48 10.34 -13.23
C ILE A 210 14.99 10.09 -13.08
N PHE A 211 14.35 9.70 -14.19
CA PHE A 211 12.92 9.43 -14.24
C PHE A 211 12.70 8.01 -14.76
N THR A 212 11.86 7.23 -14.10
CA THR A 212 11.32 6.03 -14.72
C THR A 212 10.05 6.45 -15.44
N VAL A 213 10.04 6.35 -16.76
CA VAL A 213 8.95 6.91 -17.55
C VAL A 213 8.23 5.81 -18.31
N PHE A 214 6.90 5.84 -18.26
CA PHE A 214 6.08 4.87 -18.97
C PHE A 214 5.46 5.53 -20.17
N ALA A 215 5.64 4.91 -21.33
CA ALA A 215 5.22 5.50 -22.59
C ALA A 215 4.70 4.44 -23.55
N LYS A 216 3.76 4.80 -24.42
CA LYS A 216 3.30 3.89 -25.46
C LYS A 216 4.30 3.81 -26.60
N THR A 217 4.65 2.59 -27.00
CA THR A 217 5.60 2.35 -28.10
C THR A 217 4.99 1.31 -29.04
N PRO A 218 5.34 1.38 -30.33
CA PRO A 218 4.96 0.29 -31.22
C PRO A 218 5.79 -0.94 -30.90
N VAL A 219 5.14 -2.10 -30.78
CA VAL A 219 5.81 -3.34 -30.49
C VAL A 219 5.49 -4.35 -31.56
N THR A 220 6.53 -4.96 -32.13
CA THR A 220 6.39 -5.95 -33.18
C THR A 220 6.17 -7.33 -32.61
N ASP A 221 5.13 -8.01 -33.08
CA ASP A 221 4.86 -9.39 -32.69
C ASP A 221 5.92 -10.30 -33.28
N PRO A 222 6.60 -11.09 -32.44
CA PRO A 222 7.72 -11.93 -32.89
C PRO A 222 7.38 -12.94 -33.96
N ALA A 223 6.11 -13.38 -33.99
CA ALA A 223 5.67 -14.40 -34.91
C ALA A 223 5.21 -13.80 -36.24
N THR A 224 4.32 -12.81 -36.18
CA THR A 224 3.69 -12.29 -37.41
C THR A 224 4.25 -10.94 -37.86
N GLY A 225 4.92 -10.24 -36.97
CA GLY A 225 5.40 -8.89 -37.28
C GLY A 225 4.37 -7.82 -37.10
N ALA A 226 3.13 -8.19 -36.78
CA ALA A 226 2.09 -7.20 -36.57
C ALA A 226 2.49 -6.25 -35.49
N VAL A 227 2.25 -4.96 -35.70
CA VAL A 227 2.62 -3.93 -34.75
C VAL A 227 1.41 -3.50 -33.90
N LYS A 228 1.62 -3.43 -32.60
CA LYS A 228 0.56 -3.04 -31.67
C LYS A 228 1.17 -2.07 -30.68
N GLU A 229 0.39 -1.09 -30.23
CA GLU A 229 0.88 -0.15 -29.24
C GLU A 229 0.76 -0.74 -27.86
N LYS A 230 1.87 -0.75 -27.13
CA LYS A 230 1.93 -1.24 -25.76
C LYS A 230 2.84 -0.31 -24.95
N ILE A 231 2.72 -0.38 -23.64
CA ILE A 231 3.57 0.42 -22.77
C ILE A 231 4.98 -0.16 -22.65
N THR A 232 5.97 0.72 -22.70
CA THR A 232 7.35 0.39 -22.38
C THR A 232 7.85 1.35 -21.28
N ALA A 233 8.69 0.84 -20.40
CA ALA A 233 9.35 1.59 -19.33
C ALA A 233 10.75 2.01 -19.76
N PHE A 234 11.12 3.25 -19.43
CA PHE A 234 12.42 3.78 -19.79
C PHE A 234 13.08 4.43 -18.59
N VAL A 235 14.40 4.37 -18.51
CA VAL A 235 15.18 5.18 -17.58
C VAL A 235 15.62 6.42 -18.34
N VAL A 236 15.13 7.58 -17.90
CA VAL A 236 15.37 8.84 -18.62
C VAL A 236 16.18 9.79 -17.74
N GLU A 237 17.26 10.33 -18.30
CA GLU A 237 18.10 11.35 -17.65
C GLU A 237 17.59 12.75 -18.03
N ARG A 238 17.47 13.64 -17.04
CA ARG A 238 17.12 15.02 -17.36
C ARG A 238 18.07 15.58 -18.43
N GLY A 239 19.33 15.16 -18.37
CA GLY A 239 20.35 15.66 -19.28
C GLY A 239 20.25 15.18 -20.72
N PHE A 240 19.29 14.31 -21.01
CA PHE A 240 19.04 13.90 -22.40
C PHE A 240 18.48 15.07 -23.23
N GLY A 241 17.92 16.06 -22.56
CA GLY A 241 17.36 17.26 -23.22
C GLY A 241 15.86 17.15 -23.44
N GLY A 242 15.17 18.29 -23.47
CA GLY A 242 13.76 18.35 -23.76
C GLY A 242 12.86 18.14 -22.57
N ILE A 243 13.45 18.09 -21.37
CA ILE A 243 12.69 17.83 -20.15
C ILE A 243 12.61 19.09 -19.32
N THR A 244 11.39 19.44 -18.96
CA THR A 244 11.14 20.55 -18.06
C THR A 244 10.09 20.11 -17.04
N HIS A 245 9.91 20.94 -16.04
CA HIS A 245 8.88 20.65 -15.03
C HIS A 245 8.11 21.92 -14.70
N GLY A 246 6.94 21.72 -14.13
CA GLY A 246 6.14 22.83 -13.68
C GLY A 246 6.47 23.22 -12.25
N PRO A 247 5.84 24.30 -11.77
CA PRO A 247 6.09 24.73 -10.40
C PRO A 247 5.49 23.77 -9.38
N PRO A 248 6.00 23.78 -8.13
CA PRO A 248 5.48 22.85 -7.12
C PRO A 248 3.99 23.07 -6.91
N GLU A 249 3.23 21.98 -6.86
CA GLU A 249 1.79 22.08 -6.62
C GLU A 249 1.52 22.36 -5.15
N LYS A 250 0.54 23.23 -4.86
CA LYS A 250 0.09 23.45 -3.48
C LYS A 250 -0.98 22.47 -3.08
N LYS A 251 -0.81 21.88 -1.91
CA LYS A 251 -1.66 20.78 -1.52
C LYS A 251 -1.95 20.76 -0.04
N MET A 252 -2.86 19.87 0.35
CA MET A 252 -3.35 19.92 1.72
C MET A 252 -2.26 19.56 2.74
N GLY A 253 -1.47 18.56 2.42
CA GLY A 253 -0.50 17.99 3.34
C GLY A 253 0.69 17.48 2.56
N ILE A 254 1.53 16.72 3.24
CA ILE A 254 2.88 16.37 2.77
C ILE A 254 3.47 17.54 1.97
N LYS A 255 3.35 18.73 2.54
CA LYS A 255 3.73 19.94 1.80
C LYS A 255 5.21 20.05 1.50
N ALA A 256 6.04 19.39 2.30
CA ALA A 256 7.49 19.36 2.11
C ALA A 256 7.89 18.53 0.92
N SER A 257 7.00 17.64 0.46
CA SER A 257 7.29 16.79 -0.70
C SER A 257 7.04 17.60 -1.97
N ASN A 258 7.96 17.53 -2.90
CA ASN A 258 7.80 18.23 -4.17
C ASN A 258 6.89 17.41 -5.04
N THR A 259 5.94 18.08 -5.70
CA THR A 259 4.98 17.46 -6.62
C THR A 259 4.87 18.38 -7.81
N ALA A 260 5.19 17.89 -9.02
CA ALA A 260 5.23 18.76 -10.19
C ALA A 260 4.83 18.01 -11.45
N GLU A 261 4.32 18.76 -12.41
CA GLU A 261 4.13 18.26 -13.75
C GLU A 261 5.52 18.13 -14.36
N VAL A 262 5.71 17.12 -15.20
CA VAL A 262 6.97 16.93 -15.93
C VAL A 262 6.65 16.83 -17.41
N PHE A 263 7.38 17.58 -18.24
CA PHE A 263 7.11 17.66 -19.66
C PHE A 263 8.27 17.07 -20.43
N PHE A 264 7.95 16.22 -21.42
CA PHE A 264 8.95 15.57 -22.26
C PHE A 264 8.68 16.02 -23.68
N ASP A 265 9.58 16.81 -24.24
CA ASP A 265 9.37 17.37 -25.56
C ASP A 265 10.53 16.96 -26.45
N GLY A 266 10.28 15.97 -27.30
CA GLY A 266 11.28 15.49 -28.24
C GLY A 266 12.52 14.93 -27.59
N VAL A 267 12.33 14.16 -26.52
CA VAL A 267 13.45 13.63 -25.77
C VAL A 267 14.04 12.39 -26.43
N ARG A 268 15.33 12.46 -26.77
CA ARG A 268 16.02 11.30 -27.32
C ARG A 268 16.47 10.38 -26.20
N VAL A 269 15.89 9.17 -26.17
CA VAL A 269 16.21 8.18 -25.15
C VAL A 269 16.93 7.00 -25.82
N PRO A 270 18.18 6.71 -25.41
CA PRO A 270 18.87 5.57 -26.01
C PRO A 270 18.14 4.25 -25.85
N SER A 271 18.20 3.40 -26.87
CA SER A 271 17.46 2.14 -26.84
C SER A 271 17.90 1.26 -25.67
N GLU A 272 19.15 1.44 -25.22
CA GLU A 272 19.66 0.67 -24.09
C GLU A 272 19.12 1.17 -22.74
N ASN A 273 18.31 2.22 -22.78
CA ASN A 273 17.68 2.72 -21.56
C ASN A 273 16.26 2.17 -21.36
N VAL A 274 15.83 1.28 -22.24
CA VAL A 274 14.62 0.53 -21.98
C VAL A 274 14.82 -0.32 -20.73
N LEU A 275 13.82 -0.29 -19.87
CA LEU A 275 13.86 -1.00 -18.63
C LEU A 275 12.96 -2.23 -18.75
N GLY A 276 13.56 -3.41 -18.71
CA GLY A 276 12.86 -4.65 -19.00
C GLY A 276 12.71 -4.82 -20.50
N GLU A 277 11.63 -5.46 -20.92
CA GLU A 277 11.40 -5.72 -22.33
C GLU A 277 10.51 -4.66 -22.96
N VAL A 278 10.79 -4.32 -24.21
CA VAL A 278 9.90 -3.48 -24.98
C VAL A 278 8.50 -4.08 -24.99
N GLY A 279 7.51 -3.27 -24.59
CA GLY A 279 6.12 -3.69 -24.53
C GLY A 279 5.68 -4.31 -23.21
N SER A 280 6.59 -4.45 -22.24
CA SER A 280 6.28 -5.09 -20.97
C SER A 280 6.22 -4.03 -19.84
N GLY A 281 6.07 -2.77 -20.23
CA GLY A 281 6.09 -1.66 -19.30
C GLY A 281 4.94 -1.60 -18.32
N PHE A 282 3.76 -2.07 -18.71
CA PHE A 282 2.64 -2.12 -17.77
C PHE A 282 3.00 -3.06 -16.61
N LYS A 283 3.55 -4.22 -16.94
CA LYS A 283 4.01 -5.17 -15.94
C LYS A 283 5.10 -4.59 -15.03
N VAL A 284 6.04 -3.89 -15.64
CA VAL A 284 7.08 -3.23 -14.88
C VAL A 284 6.48 -2.25 -13.85
N ALA A 285 5.52 -1.41 -14.29
CA ALA A 285 4.88 -0.44 -13.40
C ALA A 285 4.21 -1.16 -12.26
N MET A 286 3.43 -2.19 -12.59
CA MET A 286 2.66 -2.87 -11.56
C MET A 286 3.58 -3.57 -10.56
N HIS A 287 4.66 -4.17 -11.04
CA HIS A 287 5.61 -4.80 -10.14
C HIS A 287 6.30 -3.81 -9.22
N ILE A 288 6.67 -2.65 -9.75
CA ILE A 288 7.26 -1.63 -8.90
C ILE A 288 6.31 -1.20 -7.80
N LEU A 289 5.06 -0.92 -8.17
CA LEU A 289 4.10 -0.43 -7.20
C LEU A 289 3.79 -1.50 -6.17
N ASN A 290 3.70 -2.75 -6.61
CA ASN A 290 3.47 -3.87 -5.73
C ASN A 290 4.65 -4.04 -4.78
N ASN A 291 5.85 -4.03 -5.34
CA ASN A 291 7.06 -4.28 -4.54
C ASN A 291 7.19 -3.22 -3.46
N GLY A 292 6.85 -1.99 -3.79
CA GLY A 292 6.98 -0.89 -2.84
C GLY A 292 5.91 -0.80 -1.78
N ARG A 293 4.82 -1.54 -2.01
CA ARG A 293 3.60 -1.30 -1.32
C ARG A 293 3.66 -1.52 0.20
N PHE A 294 4.42 -2.53 0.64
CA PHE A 294 4.52 -2.81 2.07
C PHE A 294 5.11 -1.64 2.81
N GLY A 295 5.87 -0.81 2.09
CA GLY A 295 6.55 0.30 2.75
C GLY A 295 5.56 1.30 3.29
N MET A 296 4.38 1.39 2.68
CA MET A 296 3.38 2.32 3.15
C MET A 296 2.90 1.88 4.52
N ALA A 297 2.48 0.62 4.65
CA ALA A 297 2.02 0.13 5.93
C ALA A 297 3.09 0.24 7.01
N ALA A 298 4.34 0.02 6.63
CA ALA A 298 5.43 0.14 7.60
C ALA A 298 5.51 1.57 8.12
N ALA A 299 5.52 2.52 7.20
CA ALA A 299 5.58 3.92 7.57
C ALA A 299 4.41 4.30 8.44
N LEU A 300 3.21 3.88 8.06
CA LEU A 300 1.99 4.30 8.76
C LEU A 300 1.86 3.63 10.12
N ALA A 301 2.43 2.43 10.29
CA ALA A 301 2.50 1.83 11.61
C ALA A 301 3.30 2.71 12.56
N GLY A 302 4.37 3.32 12.03
CA GLY A 302 5.16 4.28 12.78
C GLY A 302 4.37 5.55 13.07
N THR A 303 3.66 6.08 12.07
CA THR A 303 2.83 7.25 12.32
C THR A 303 1.91 7.00 13.47
N MET A 304 1.22 5.87 13.43
CA MET A 304 0.26 5.55 14.49
C MET A 304 0.91 5.38 15.84
N ARG A 305 2.09 4.77 15.89
CA ARG A 305 2.78 4.66 17.17
C ARG A 305 3.02 6.04 17.79
N GLY A 306 3.45 7.02 17.00
CA GLY A 306 3.69 8.35 17.55
C GLY A 306 2.41 9.04 17.96
N ILE A 307 1.38 8.91 17.14
CA ILE A 307 0.09 9.54 17.45
C ILE A 307 -0.52 8.94 18.73
N ILE A 308 -0.40 7.63 18.92
CA ILE A 308 -0.95 7.01 20.12
C ILE A 308 -0.25 7.53 21.37
N ALA A 309 1.06 7.75 21.28
CA ALA A 309 1.75 8.31 22.43
C ALA A 309 1.19 9.68 22.79
N LYS A 310 0.91 10.48 21.77
CA LYS A 310 0.34 11.81 21.99
C LYS A 310 -1.04 11.74 22.65
N ALA A 311 -1.90 10.86 22.15
CA ALA A 311 -3.23 10.68 22.71
C ALA A 311 -3.16 10.16 24.12
N VAL A 312 -2.29 9.20 24.39
CA VAL A 312 -2.19 8.64 25.71
C VAL A 312 -1.68 9.69 26.66
N ASP A 313 -0.69 10.48 26.26
CA ASP A 313 -0.22 11.57 27.09
C ASP A 313 -1.35 12.51 27.44
N HIS A 314 -2.12 12.94 26.45
CA HIS A 314 -3.25 13.82 26.72
C HIS A 314 -4.21 13.20 27.73
N ALA A 315 -4.62 11.95 27.50
CA ALA A 315 -5.61 11.28 28.35
C ALA A 315 -5.11 11.03 29.75
N THR A 316 -3.80 10.90 29.88
CA THR A 316 -3.15 10.64 31.18
C THR A 316 -3.21 11.87 32.06
N ASN A 317 -3.09 13.03 31.43
CA ASN A 317 -2.85 14.27 32.13
C ASN A 317 -4.00 15.28 32.17
N ARG A 318 -5.04 15.06 31.38
CA ARG A 318 -6.17 15.99 31.32
C ARG A 318 -7.23 15.57 32.35
N THR A 319 -7.50 16.43 33.34
CA THR A 319 -8.60 16.28 34.27
C THR A 319 -9.85 16.89 33.67
N GLN A 320 -10.97 16.19 33.74
CA GLN A 320 -12.24 16.78 33.40
C GLN A 320 -13.29 15.99 34.18
N PHE A 321 -14.29 16.67 34.68
CA PHE A 321 -15.30 16.06 35.54
C PHE A 321 -14.65 15.32 36.71
N GLY A 322 -13.58 15.88 37.26
CA GLY A 322 -13.04 15.41 38.53
C GLY A 322 -12.08 14.25 38.46
N GLU A 323 -11.80 13.76 37.25
CA GLU A 323 -10.89 12.66 37.06
C GLU A 323 -10.01 12.88 35.84
N LYS A 324 -8.87 12.21 35.78
CA LYS A 324 -8.13 12.13 34.51
C LYS A 324 -8.97 11.36 33.49
N ILE A 325 -8.99 11.82 32.24
CA ILE A 325 -10.00 11.35 31.32
C ILE A 325 -9.78 9.90 30.88
N HIS A 326 -8.58 9.36 31.08
CA HIS A 326 -8.36 7.94 30.80
C HIS A 326 -9.23 7.02 31.66
N ASN A 327 -9.83 7.56 32.71
CA ASN A 327 -10.76 6.83 33.57
C ASN A 327 -12.19 6.71 33.03
N PHE A 328 -12.46 7.33 31.89
CA PHE A 328 -13.79 7.31 31.29
C PHE A 328 -13.85 6.30 30.15
N GLY A 329 -14.90 5.50 30.12
CA GLY A 329 -15.07 4.45 29.13
C GLY A 329 -14.93 4.92 27.70
N LEU A 330 -15.51 6.05 27.36
CA LEU A 330 -15.45 6.50 25.96
C LEU A 330 -14.00 6.64 25.50
N ILE A 331 -13.16 7.18 26.38
CA ILE A 331 -11.75 7.37 26.08
C ILE A 331 -11.01 6.05 26.04
N GLN A 332 -11.31 5.16 26.99
CA GLN A 332 -10.72 3.82 26.98
C GLN A 332 -10.97 3.08 25.67
N GLU A 333 -12.21 3.10 25.20
CA GLU A 333 -12.52 2.39 23.96
C GLU A 333 -11.78 2.99 22.78
N LYS A 334 -11.75 4.32 22.68
CA LYS A 334 -10.99 5.00 21.61
C LYS A 334 -9.55 4.54 21.65
N LEU A 335 -8.90 4.61 22.81
CA LEU A 335 -7.48 4.23 22.88
C LEU A 335 -7.26 2.76 22.54
N ALA A 336 -8.11 1.89 23.03
CA ALA A 336 -7.99 0.46 22.73
C ALA A 336 -8.09 0.20 21.24
N ARG A 337 -9.05 0.85 20.60
CA ARG A 337 -9.26 0.67 19.16
C ARG A 337 -8.07 1.19 18.36
N MET A 338 -7.46 2.28 18.82
CA MET A 338 -6.28 2.84 18.14
C MET A 338 -5.13 1.86 18.15
N VAL A 339 -4.86 1.27 19.30
CA VAL A 339 -3.71 0.37 19.36
C VAL A 339 -3.96 -0.92 18.60
N MET A 340 -5.21 -1.40 18.60
CA MET A 340 -5.49 -2.57 17.76
C MET A 340 -5.23 -2.27 16.29
N LEU A 341 -5.63 -1.11 15.82
CA LEU A 341 -5.37 -0.73 14.42
C LEU A 341 -3.87 -0.64 14.14
N GLN A 342 -3.11 -0.10 15.09
CA GLN A 342 -1.67 0.02 14.91
C GLN A 342 -1.05 -1.35 14.86
N TYR A 343 -1.46 -2.22 15.78
CA TYR A 343 -0.86 -3.57 15.85
C TYR A 343 -1.18 -4.38 14.60
N VAL A 344 -2.39 -4.33 14.10
CA VAL A 344 -2.74 -5.05 12.89
C VAL A 344 -1.86 -4.52 11.76
N THR A 345 -1.81 -3.19 11.62
CA THR A 345 -1.07 -2.62 10.50
C THR A 345 0.39 -3.03 10.54
N GLU A 346 1.02 -2.87 11.69
CA GLU A 346 2.41 -3.23 11.85
C GLU A 346 2.65 -4.70 11.59
N SER A 347 1.75 -5.55 12.07
CA SER A 347 1.90 -6.99 11.85
C SER A 347 1.79 -7.32 10.37
N MET A 348 0.88 -6.66 9.64
CA MET A 348 0.77 -6.87 8.20
C MET A 348 2.04 -6.44 7.50
N ALA A 349 2.56 -5.27 7.85
CA ALA A 349 3.71 -4.72 7.16
C ALA A 349 4.91 -5.65 7.23
N TYR A 350 5.19 -6.14 8.43
CA TYR A 350 6.33 -7.03 8.63
C TYR A 350 6.10 -8.42 8.10
N MET A 351 4.84 -8.86 8.03
CA MET A 351 4.57 -10.16 7.40
C MET A 351 4.86 -10.10 5.92
N VAL A 352 4.35 -9.09 5.24
CA VAL A 352 4.58 -8.95 3.80
C VAL A 352 6.08 -8.76 3.53
N SER A 353 6.76 -7.92 4.31
CA SER A 353 8.19 -7.75 4.06
C SER A 353 8.96 -9.04 4.23
N ALA A 354 8.59 -9.82 5.25
CA ALA A 354 9.23 -11.11 5.48
C ALA A 354 8.96 -12.07 4.33
N ASN A 355 7.72 -12.12 3.86
CA ASN A 355 7.37 -12.98 2.73
C ASN A 355 8.24 -12.62 1.51
N MET A 356 8.37 -11.33 1.24
CA MET A 356 9.23 -10.87 0.15
C MET A 356 10.68 -11.34 0.34
N ASP A 357 11.22 -11.17 1.54
CA ASP A 357 12.58 -11.55 1.88
C ASP A 357 12.80 -13.05 1.76
N GLN A 358 11.75 -13.82 2.00
CA GLN A 358 11.85 -15.28 1.96
C GLN A 358 11.57 -15.82 0.58
N GLY A 359 11.41 -14.96 -0.41
CA GLY A 359 11.26 -15.37 -1.80
C GLY A 359 9.86 -15.65 -2.29
N ALA A 360 8.86 -15.16 -1.56
CA ALA A 360 7.49 -15.30 -2.07
C ALA A 360 7.35 -14.61 -3.42
N THR A 361 6.62 -15.27 -4.31
CA THR A 361 6.30 -14.72 -5.62
C THR A 361 4.83 -14.26 -5.72
N ASP A 362 4.01 -14.65 -4.76
CA ASP A 362 2.58 -14.36 -4.77
C ASP A 362 2.24 -13.68 -3.44
N PHE A 363 2.34 -12.35 -3.45
CA PHE A 363 1.99 -11.52 -2.28
C PHE A 363 1.23 -10.27 -2.63
N GLN A 364 0.74 -10.18 -3.86
CA GLN A 364 0.15 -8.92 -4.32
C GLN A 364 -1.17 -8.62 -3.62
N ILE A 365 -1.96 -9.64 -3.33
CA ILE A 365 -3.21 -9.38 -2.62
C ILE A 365 -2.94 -8.92 -1.20
N GLU A 366 -2.04 -9.59 -0.51
CA GLU A 366 -1.64 -9.20 0.83
C GLU A 366 -1.05 -7.79 0.90
N ALA A 367 -0.23 -7.42 -0.08
CA ALA A 367 0.35 -6.09 -0.13
C ALA A 367 -0.74 -5.04 -0.30
N ALA A 368 -1.70 -5.31 -1.18
CA ALA A 368 -2.82 -4.38 -1.39
C ALA A 368 -3.65 -4.25 -0.13
N ILE A 369 -3.92 -5.37 0.53
CA ILE A 369 -4.67 -5.33 1.79
C ILE A 369 -3.92 -4.47 2.80
N SER A 370 -2.62 -4.63 2.88
CA SER A 370 -1.86 -3.87 3.87
C SER A 370 -1.92 -2.37 3.61
N LYS A 371 -1.94 -1.99 2.34
CA LYS A 371 -1.99 -0.56 1.96
C LYS A 371 -3.35 0.03 2.30
N ILE A 372 -4.40 -0.68 1.92
CA ILE A 372 -5.74 -0.25 2.23
C ILE A 372 -5.93 -0.13 3.72
N PHE A 373 -5.60 -1.20 4.42
CA PHE A 373 -5.82 -1.22 5.85
C PHE A 373 -5.00 -0.19 6.57
N GLY A 374 -3.71 -0.10 6.26
CA GLY A 374 -2.86 0.82 6.96
C GLY A 374 -3.21 2.28 6.73
N SER A 375 -3.51 2.63 5.49
CA SER A 375 -3.89 4.02 5.20
C SER A 375 -5.18 4.43 5.89
N GLU A 376 -6.20 3.55 5.87
CA GLU A 376 -7.45 3.87 6.54
C GLU A 376 -7.29 3.83 8.06
N ALA A 377 -6.48 2.90 8.57
CA ALA A 377 -6.20 2.84 10.02
C ALA A 377 -5.53 4.10 10.50
N ALA A 378 -4.49 4.54 9.80
CA ALA A 378 -3.78 5.72 10.27
C ALA A 378 -4.65 6.97 10.30
N TRP A 379 -5.49 7.11 9.28
CA TRP A 379 -6.47 8.18 9.18
C TRP A 379 -7.38 8.15 10.41
N LYS A 380 -7.96 6.98 10.72
CA LYS A 380 -8.91 6.88 11.83
C LYS A 380 -8.21 7.13 13.14
N VAL A 381 -7.00 6.61 13.31
CA VAL A 381 -6.28 6.80 14.56
C VAL A 381 -5.96 8.27 14.81
N THR A 382 -5.54 8.98 13.76
CA THR A 382 -5.17 10.37 13.94
C THR A 382 -6.41 11.21 14.16
N ASP A 383 -7.49 10.90 13.44
CA ASP A 383 -8.76 11.59 13.65
C ASP A 383 -9.24 11.43 15.09
N GLU A 384 -9.07 10.24 15.67
CA GLU A 384 -9.52 10.02 17.03
C GLU A 384 -8.59 10.69 18.05
N CYS A 385 -7.31 10.79 17.72
CA CYS A 385 -6.38 11.53 18.56
C CYS A 385 -6.83 12.98 18.71
N ILE A 386 -7.23 13.58 17.60
CA ILE A 386 -7.77 14.95 17.62
C ILE A 386 -8.95 14.98 18.54
N GLN A 387 -9.84 14.01 18.42
CA GLN A 387 -11.07 14.02 19.23
C GLN A 387 -10.75 13.93 20.74
N ILE A 388 -9.79 13.06 21.09
CA ILE A 388 -9.36 12.91 22.49
C ILE A 388 -8.77 14.24 23.02
N MET A 389 -8.07 14.95 22.15
CA MET A 389 -7.41 16.19 22.57
C MET A 389 -8.38 17.33 22.72
N GLY A 390 -9.58 17.20 22.20
CA GLY A 390 -10.54 18.29 22.24
C GLY A 390 -10.15 19.47 21.37
N GLY A 391 -10.48 20.68 21.84
CA GLY A 391 -10.16 21.87 21.06
C GLY A 391 -8.69 21.96 20.73
N MET A 392 -7.81 21.52 21.63
CA MET A 392 -6.39 21.53 21.40
C MET A 392 -5.97 20.80 20.13
N GLY A 393 -6.67 19.73 19.83
CA GLY A 393 -6.36 18.93 18.66
C GLY A 393 -6.52 19.64 17.34
N PHE A 394 -7.35 20.67 17.31
CA PHE A 394 -7.61 21.47 16.11
C PHE A 394 -6.59 22.58 15.93
N MET A 395 -5.81 22.86 16.95
CA MET A 395 -4.83 23.94 16.89
C MET A 395 -3.58 23.51 16.14
N LYS A 396 -2.85 24.46 15.58
CA LYS A 396 -1.64 24.12 14.84
C LYS A 396 -0.50 23.60 15.75
N GLU A 397 -0.33 24.23 16.91
CA GLU A 397 0.88 23.96 17.71
C GLU A 397 1.16 22.50 18.05
N PRO A 398 0.14 21.73 18.48
CA PRO A 398 0.38 20.33 18.80
C PRO A 398 0.88 19.44 17.65
N GLY A 399 0.64 19.86 16.41
CA GLY A 399 1.14 19.14 15.26
C GLY A 399 0.30 17.97 14.78
N VAL A 400 -0.77 17.62 15.49
CA VAL A 400 -1.58 16.49 15.08
C VAL A 400 -2.37 16.81 13.81
N GLU A 401 -2.89 18.03 13.71
CA GLU A 401 -3.62 18.41 12.51
C GLU A 401 -2.73 18.32 11.27
N ARG A 402 -1.43 18.58 11.43
CA ARG A 402 -0.50 18.46 10.30
C ARG A 402 -0.41 17.01 9.84
N VAL A 403 -0.31 16.09 10.79
CA VAL A 403 -0.27 14.67 10.45
C VAL A 403 -1.57 14.22 9.77
N LEU A 404 -2.71 14.67 10.26
CA LEU A 404 -3.99 14.37 9.58
C LEU A 404 -3.97 14.84 8.13
N ARG A 405 -3.54 16.07 7.90
CA ARG A 405 -3.47 16.59 6.53
C ARG A 405 -2.57 15.73 5.67
N ASP A 406 -1.41 15.34 6.22
CA ASP A 406 -0.45 14.50 5.47
C ASP A 406 -1.10 13.15 5.09
N LEU A 407 -1.92 12.59 5.99
CA LEU A 407 -2.42 11.23 5.81
C LEU A 407 -3.45 11.10 4.68
N ARG A 408 -4.16 12.17 4.37
CA ARG A 408 -5.33 12.02 3.50
C ARG A 408 -4.95 11.41 2.16
N ILE A 409 -3.78 11.77 1.63
CA ILE A 409 -3.38 11.32 0.31
C ILE A 409 -3.04 9.82 0.27
N PHE A 410 -2.75 9.23 1.40
CA PHE A 410 -2.30 7.83 1.42
C PHE A 410 -3.42 6.89 1.05
N ARG A 411 -4.67 7.33 1.13
CA ARG A 411 -5.80 6.55 0.66
C ARG A 411 -6.03 6.66 -0.85
N ILE A 412 -5.25 7.51 -1.51
CA ILE A 412 -5.48 7.85 -2.90
C ILE A 412 -4.32 7.49 -3.82
N PHE A 413 -3.10 7.82 -3.44
CA PHE A 413 -1.95 7.49 -4.30
C PHE A 413 -1.43 6.09 -4.03
N GLU A 414 -0.53 5.62 -4.89
CA GLU A 414 -0.06 4.22 -4.84
C GLU A 414 -1.22 3.23 -5.03
N GLY A 415 -2.22 3.65 -5.81
CA GLY A 415 -3.44 2.89 -6.01
C GLY A 415 -4.55 3.40 -5.10
N THR A 416 -5.64 3.92 -5.66
CA THR A 416 -6.69 4.38 -4.80
C THR A 416 -7.24 3.20 -4.03
N ASN A 417 -7.72 3.43 -2.81
CA ASN A 417 -8.18 2.30 -2.05
C ASN A 417 -9.38 1.64 -2.69
N ASP A 418 -10.15 2.40 -3.47
CA ASP A 418 -11.31 1.85 -4.17
C ASP A 418 -10.85 0.89 -5.27
N ILE A 419 -9.89 1.29 -6.08
CA ILE A 419 -9.36 0.40 -7.09
C ILE A 419 -8.64 -0.78 -6.49
N LEU A 420 -7.93 -0.56 -5.39
CA LEU A 420 -7.27 -1.67 -4.74
C LEU A 420 -8.27 -2.65 -4.15
N ARG A 421 -9.43 -2.20 -3.68
CA ARG A 421 -10.45 -3.17 -3.22
C ARG A 421 -10.94 -4.01 -4.38
N LEU A 422 -11.19 -3.40 -5.52
CA LEU A 422 -11.62 -4.15 -6.71
C LEU A 422 -10.54 -5.15 -7.12
N PHE A 423 -9.27 -4.73 -7.07
CA PHE A 423 -8.16 -5.62 -7.36
C PHE A 423 -8.14 -6.83 -6.42
N VAL A 424 -8.23 -6.56 -5.13
CA VAL A 424 -8.21 -7.64 -4.15
C VAL A 424 -9.31 -8.64 -4.45
N ALA A 425 -10.53 -8.15 -4.65
CA ALA A 425 -11.68 -9.06 -4.85
C ALA A 425 -11.56 -9.83 -6.15
N LEU A 426 -11.22 -9.16 -7.22
CA LEU A 426 -11.13 -9.83 -8.52
C LEU A 426 -9.92 -10.76 -8.59
N GLN A 427 -8.79 -10.33 -8.04
CA GLN A 427 -7.61 -11.23 -8.05
C GLN A 427 -7.87 -12.49 -7.21
N GLY A 428 -8.50 -12.31 -6.05
CA GLY A 428 -8.84 -13.47 -5.24
C GLY A 428 -9.82 -14.41 -5.94
N CYS A 429 -10.76 -13.85 -6.69
CA CYS A 429 -11.77 -14.65 -7.36
C CYS A 429 -11.17 -15.42 -8.52
N MET A 430 -10.04 -14.96 -9.04
CA MET A 430 -9.55 -15.46 -10.33
C MET A 430 -9.35 -16.97 -10.32
N ASP A 431 -8.57 -17.48 -9.37
CA ASP A 431 -8.25 -18.90 -9.41
C ASP A 431 -9.46 -19.75 -9.10
N LYS A 432 -10.31 -19.30 -8.18
CA LYS A 432 -11.55 -20.02 -7.91
C LYS A 432 -12.42 -20.07 -9.16
N GLY A 433 -12.51 -18.96 -9.89
CA GLY A 433 -13.29 -18.92 -11.11
C GLY A 433 -12.78 -19.90 -12.13
N LYS A 434 -11.46 -20.01 -12.22
CA LYS A 434 -10.81 -20.90 -13.17
C LYS A 434 -11.17 -22.35 -12.85
N GLU A 435 -11.09 -22.73 -11.58
CA GLU A 435 -11.50 -24.06 -11.14
C GLU A 435 -12.95 -24.34 -11.51
N LEU A 436 -13.85 -23.43 -11.15
CA LEU A 436 -15.28 -23.62 -11.44
C LEU A 436 -15.55 -23.81 -12.94
N SER A 437 -14.84 -23.04 -13.77
CA SER A 437 -15.03 -23.11 -15.22
C SER A 437 -14.55 -24.43 -15.79
N GLY A 438 -13.52 -25.00 -15.19
CA GLY A 438 -12.98 -26.27 -15.63
C GLY A 438 -13.94 -27.44 -15.43
N LEU A 439 -15.01 -27.21 -14.69
CA LEU A 439 -15.94 -28.28 -14.33
C LEU A 439 -16.80 -28.74 -15.52
N GLY A 440 -17.24 -27.81 -16.35
CA GLY A 440 -18.11 -28.17 -17.48
C GLY A 440 -17.42 -28.05 -18.84
N SER A 441 -16.15 -28.43 -18.89
CA SER A 441 -15.33 -28.18 -20.09
C SER A 441 -15.23 -29.39 -21.03
N ALA A 442 -14.98 -30.58 -20.47
CA ALA A 442 -14.71 -31.77 -21.27
C ALA A 442 -15.90 -32.19 -22.12
N LEU A 443 -15.62 -32.61 -23.35
CA LEU A 443 -16.67 -33.11 -24.24
C LEU A 443 -17.22 -34.42 -23.70
N LYS A 444 -18.49 -34.70 -24.00
CA LYS A 444 -19.13 -35.94 -23.61
C LYS A 444 -18.88 -36.98 -24.69
N ASN A 445 -18.39 -38.14 -24.28
CA ASN A 445 -18.24 -39.26 -25.19
C ASN A 445 -19.40 -40.23 -24.99
N PRO A 446 -20.39 -40.19 -25.89
CA PRO A 446 -21.59 -41.02 -25.74
C PRO A 446 -21.38 -42.50 -26.03
N PHE A 447 -20.21 -42.88 -26.55
CA PHE A 447 -20.02 -44.22 -27.12
C PHE A 447 -19.29 -45.24 -26.22
N GLY A 448 -19.26 -44.95 -24.93
CA GLY A 448 -18.52 -45.76 -23.95
C GLY A 448 -17.82 -44.84 -22.95
N SER A 469 -15.86 -28.97 6.67
CA SER A 469 -14.71 -28.61 5.85
C SER A 469 -13.47 -29.39 6.27
N GLY A 470 -13.37 -29.65 7.58
CA GLY A 470 -12.20 -30.31 8.14
C GLY A 470 -11.06 -29.33 8.42
N LEU A 471 -11.30 -28.05 8.14
CA LEU A 471 -10.25 -27.05 8.30
C LEU A 471 -10.05 -26.71 9.76
N SER A 472 -8.79 -26.52 10.14
CA SER A 472 -8.45 -26.19 11.52
C SER A 472 -7.11 -25.48 11.60
N LEU A 473 -7.01 -24.54 12.53
CA LEU A 473 -5.71 -23.96 12.87
C LEU A 473 -5.08 -24.58 14.13
N SER A 474 -5.62 -25.70 14.60
CA SER A 474 -4.97 -26.44 15.67
C SER A 474 -3.54 -26.77 15.30
N GLY A 475 -2.61 -26.56 16.23
CA GLY A 475 -1.21 -26.83 15.95
C GLY A 475 -0.45 -25.68 15.32
N LEU A 476 -1.19 -24.69 14.81
CA LEU A 476 -0.56 -23.49 14.26
C LEU A 476 -0.79 -22.32 15.20
N VAL A 477 -2.04 -22.13 15.62
CA VAL A 477 -2.32 -21.11 16.61
C VAL A 477 -1.96 -21.67 17.97
N HIS A 478 -1.51 -20.80 18.86
CA HIS A 478 -1.19 -21.19 20.21
C HIS A 478 -2.48 -21.62 20.91
N PRO A 479 -2.40 -22.63 21.78
CA PRO A 479 -3.61 -23.08 22.48
C PRO A 479 -4.40 -22.00 23.18
N GLU A 480 -3.73 -20.99 23.73
CA GLU A 480 -4.44 -19.93 24.42
C GLU A 480 -5.28 -19.12 23.47
N LEU A 481 -5.00 -19.23 22.17
CA LEU A 481 -5.77 -18.53 21.15
C LEU A 481 -6.67 -19.43 20.33
N SER A 482 -6.96 -20.62 20.83
CA SER A 482 -7.72 -21.60 20.05
C SER A 482 -9.12 -21.09 19.66
N ARG A 483 -9.79 -20.35 20.54
CA ARG A 483 -11.14 -19.88 20.24
C ARG A 483 -11.12 -18.89 19.10
N SER A 484 -10.18 -17.96 19.14
CA SER A 484 -10.06 -16.98 18.07
C SER A 484 -9.62 -17.64 16.76
N GLY A 485 -8.80 -18.67 16.86
CA GLY A 485 -8.45 -19.46 15.70
C GLY A 485 -9.68 -20.06 15.07
N GLU A 486 -10.60 -20.56 15.90
CA GLU A 486 -11.83 -21.12 15.36
C GLU A 486 -12.73 -20.07 14.75
N LEU A 487 -12.76 -18.88 15.32
CA LEU A 487 -13.51 -17.80 14.71
C LEU A 487 -13.01 -17.51 13.30
N ALA A 488 -11.68 -17.52 13.15
CA ALA A 488 -11.07 -17.25 11.85
C ALA A 488 -11.42 -18.32 10.82
N VAL A 489 -11.39 -19.58 11.22
CA VAL A 489 -11.72 -20.66 10.30
C VAL A 489 -13.20 -20.63 9.92
N ARG A 490 -14.08 -20.36 10.88
CA ARG A 490 -15.49 -20.24 10.53
C ARG A 490 -15.71 -19.06 9.58
N ALA A 491 -15.00 -17.96 9.81
CA ALA A 491 -15.17 -16.78 8.96
C ALA A 491 -14.67 -17.09 7.55
N LEU A 492 -13.58 -17.83 7.45
CA LEU A 492 -13.04 -18.21 6.15
C LEU A 492 -14.05 -19.05 5.38
N GLU A 493 -14.70 -19.98 6.06
CA GLU A 493 -15.72 -20.81 5.41
C GLU A 493 -16.91 -19.98 4.92
N GLN A 494 -17.38 -19.04 5.72
CA GLN A 494 -18.47 -18.14 5.35
C GLN A 494 -18.10 -17.35 4.10
N PHE A 495 -16.89 -16.80 4.11
CA PHE A 495 -16.39 -16.01 3.00
C PHE A 495 -16.32 -16.84 1.70
N ALA A 496 -15.70 -18.00 1.80
CA ALA A 496 -15.48 -18.82 0.62
C ALA A 496 -16.79 -19.33 0.03
N THR A 497 -17.77 -19.59 0.89
CA THR A 497 -19.11 -19.99 0.43
C THR A 497 -19.77 -18.92 -0.44
N VAL A 498 -19.68 -17.66 -0.03
CA VAL A 498 -20.21 -16.56 -0.81
C VAL A 498 -19.41 -16.35 -2.10
N VAL A 499 -18.08 -16.39 -2.02
CA VAL A 499 -17.28 -16.26 -3.24
C VAL A 499 -17.72 -17.29 -4.29
N GLU A 500 -17.87 -18.55 -3.89
CA GLU A 500 -18.25 -19.61 -4.83
C GLU A 500 -19.63 -19.33 -5.41
N ALA A 501 -20.58 -18.97 -4.56
CA ALA A 501 -21.96 -18.75 -5.02
C ALA A 501 -22.03 -17.60 -6.00
N LYS A 502 -21.28 -16.54 -5.73
CA LYS A 502 -21.34 -15.34 -6.59
C LYS A 502 -20.63 -15.58 -7.90
N LEU A 503 -19.57 -16.39 -7.91
CA LEU A 503 -18.89 -16.72 -9.17
C LEU A 503 -19.78 -17.60 -10.03
N ILE A 504 -20.51 -18.53 -9.41
CA ILE A 504 -21.43 -19.37 -10.18
C ILE A 504 -22.55 -18.51 -10.76
N LYS A 505 -23.05 -17.57 -9.97
CA LYS A 505 -24.14 -16.70 -10.42
C LYS A 505 -23.70 -15.76 -11.53
N HIS A 506 -22.59 -15.06 -11.30
CA HIS A 506 -22.20 -13.98 -12.19
C HIS A 506 -21.18 -14.35 -13.25
N LYS A 507 -20.43 -15.43 -13.02
CA LYS A 507 -19.39 -15.84 -13.95
C LYS A 507 -18.50 -14.62 -14.30
N LYS A 508 -18.10 -14.44 -15.56
CA LYS A 508 -17.15 -13.38 -15.88
C LYS A 508 -17.74 -11.97 -15.71
N GLY A 509 -19.07 -11.91 -15.67
CA GLY A 509 -19.79 -10.67 -15.38
C GLY A 509 -19.58 -10.14 -13.97
N ILE A 510 -19.00 -10.96 -13.09
CA ILE A 510 -18.73 -10.47 -11.74
C ILE A 510 -17.84 -9.21 -11.75
N VAL A 511 -17.09 -9.00 -12.83
CA VAL A 511 -16.20 -7.84 -12.91
C VAL A 511 -16.98 -6.53 -12.81
N ASN A 512 -18.27 -6.55 -13.19
CA ASN A 512 -19.07 -5.34 -13.17
C ASN A 512 -19.95 -5.20 -11.93
N GLU A 513 -19.84 -6.16 -11.01
CA GLU A 513 -20.67 -6.16 -9.80
C GLU A 513 -19.91 -5.46 -8.68
N GLN A 514 -19.72 -4.16 -8.83
CA GLN A 514 -18.82 -3.45 -7.94
C GLN A 514 -19.31 -3.35 -6.50
N PHE A 515 -20.61 -3.23 -6.30
CA PHE A 515 -21.10 -3.14 -4.93
C PHE A 515 -20.70 -4.41 -4.17
N LEU A 516 -20.89 -5.56 -4.82
CA LEU A 516 -20.48 -6.86 -4.28
C LEU A 516 -18.98 -6.97 -4.10
N LEU A 517 -18.21 -6.55 -5.11
CA LEU A 517 -16.75 -6.66 -5.02
C LEU A 517 -16.17 -5.87 -3.85
N GLN A 518 -16.67 -4.67 -3.61
CA GLN A 518 -16.22 -3.88 -2.47
C GLN A 518 -16.48 -4.61 -1.15
N ARG A 519 -17.65 -5.24 -1.04
CA ARG A 519 -18.01 -5.96 0.16
C ARG A 519 -17.17 -7.25 0.33
N LEU A 520 -16.86 -7.94 -0.76
CA LEU A 520 -15.96 -9.10 -0.67
C LEU A 520 -14.56 -8.66 -0.26
N ALA A 521 -14.07 -7.54 -0.81
CA ALA A 521 -12.75 -7.05 -0.43
C ALA A 521 -12.70 -6.77 1.05
N ASP A 522 -13.76 -6.16 1.59
CA ASP A 522 -13.78 -5.88 3.02
C ASP A 522 -13.69 -7.16 3.86
N GLY A 523 -14.36 -8.22 3.42
CA GLY A 523 -14.26 -9.50 4.10
C GLY A 523 -12.84 -10.01 4.04
N ALA A 524 -12.22 -9.93 2.87
CA ALA A 524 -10.86 -10.39 2.70
C ALA A 524 -9.87 -9.64 3.61
N ILE A 525 -10.05 -8.33 3.71
CA ILE A 525 -9.20 -7.49 4.53
C ILE A 525 -9.26 -7.94 5.99
N ASP A 526 -10.49 -8.12 6.47
CA ASP A 526 -10.68 -8.51 7.86
C ASP A 526 -10.14 -9.91 8.10
N LEU A 527 -10.32 -10.83 7.16
CA LEU A 527 -9.82 -12.21 7.32
C LEU A 527 -8.29 -12.23 7.39
N TYR A 528 -7.61 -11.50 6.52
CA TYR A 528 -6.15 -11.45 6.58
C TYR A 528 -5.70 -10.79 7.89
N ALA A 529 -6.39 -9.74 8.30
CA ALA A 529 -6.07 -9.08 9.57
C ALA A 529 -6.15 -10.08 10.71
N MET A 530 -7.18 -10.92 10.73
CA MET A 530 -7.32 -11.90 11.80
C MET A 530 -6.13 -12.85 11.83
N VAL A 531 -5.79 -13.41 10.70
CA VAL A 531 -4.77 -14.42 10.75
C VAL A 531 -3.39 -13.82 11.02
N VAL A 532 -3.13 -12.59 10.58
CA VAL A 532 -1.83 -11.98 10.85
C VAL A 532 -1.66 -11.75 12.36
N VAL A 533 -2.70 -11.30 13.04
CA VAL A 533 -2.55 -11.08 14.48
C VAL A 533 -2.58 -12.40 15.25
N LEU A 534 -3.35 -13.36 14.78
CA LEU A 534 -3.29 -14.69 15.38
C LEU A 534 -1.87 -15.24 15.30
N SER A 535 -1.24 -15.11 14.14
CA SER A 535 0.09 -15.61 13.97
C SER A 535 1.10 -14.88 14.86
N ARG A 536 1.04 -13.56 14.85
CA ARG A 536 1.99 -12.79 15.66
C ARG A 536 1.83 -13.05 17.16
N ALA A 537 0.60 -13.00 17.64
CA ALA A 537 0.37 -13.22 19.07
C ALA A 537 0.69 -14.64 19.44
N SER A 538 0.47 -15.59 18.55
CA SER A 538 0.81 -16.98 18.86
C SER A 538 2.32 -17.17 19.05
N ARG A 539 3.10 -16.52 18.21
CA ARG A 539 4.55 -16.63 18.34
C ARG A 539 4.99 -15.98 19.64
N SER A 540 4.38 -14.84 19.98
CA SER A 540 4.74 -14.17 21.22
C SER A 540 4.44 -15.07 22.42
N LEU A 541 3.30 -15.74 22.41
CA LEU A 541 2.94 -16.68 23.47
C LEU A 541 3.90 -17.87 23.50
N SER A 542 4.19 -18.46 22.35
CA SER A 542 5.08 -19.61 22.31
C SER A 542 6.49 -19.30 22.82
N GLU A 543 6.98 -18.10 22.51
CA GLU A 543 8.32 -17.68 22.87
C GLU A 543 8.36 -17.05 24.27
N GLY A 544 7.22 -16.90 24.91
CA GLY A 544 7.13 -16.24 26.21
C GLY A 544 7.59 -14.79 26.23
N HIS A 545 7.32 -14.05 25.15
CA HIS A 545 7.69 -12.64 25.11
C HIS A 545 6.98 -11.92 26.23
N PRO A 546 7.62 -10.88 26.78
CA PRO A 546 7.00 -10.14 27.87
C PRO A 546 5.63 -9.50 27.60
N THR A 547 5.34 -9.16 26.34
CA THR A 547 4.05 -8.57 26.01
C THR A 547 3.02 -9.60 25.50
N ALA A 548 3.29 -10.90 25.68
CA ALA A 548 2.46 -11.93 25.04
C ALA A 548 1.02 -11.89 25.56
N GLN A 549 0.80 -11.73 26.85
CA GLN A 549 -0.58 -11.72 27.33
C GLN A 549 -1.34 -10.48 26.82
N HIS A 550 -0.65 -9.35 26.68
CA HIS A 550 -1.29 -8.14 26.13
C HIS A 550 -1.63 -8.38 24.65
N GLU A 551 -0.69 -8.97 23.92
CA GLU A 551 -0.94 -9.32 22.51
C GLU A 551 -2.10 -10.29 22.33
N LYS A 552 -2.18 -11.28 23.20
CA LYS A 552 -3.32 -12.21 23.18
C LYS A 552 -4.62 -11.44 23.27
N MET A 553 -4.66 -10.46 24.17
CA MET A 553 -5.85 -9.66 24.37
C MET A 553 -6.18 -8.78 23.14
N LEU A 554 -5.15 -8.22 22.55
CA LEU A 554 -5.33 -7.44 21.32
C LEU A 554 -5.93 -8.32 20.24
N CYS A 555 -5.36 -9.51 20.10
CA CYS A 555 -5.83 -10.47 19.08
C CYS A 555 -7.26 -10.91 19.32
N ASP A 556 -7.58 -11.34 20.53
CA ASP A 556 -8.93 -11.78 20.86
C ASP A 556 -9.96 -10.68 20.64
N THR A 557 -9.63 -9.46 21.06
CA THR A 557 -10.55 -8.34 20.94
C THR A 557 -10.79 -8.00 19.45
N TRP A 558 -9.70 -7.98 18.68
CA TRP A 558 -9.79 -7.76 17.26
C TRP A 558 -10.65 -8.85 16.60
N CYS A 559 -10.35 -10.10 16.92
CA CYS A 559 -11.01 -11.22 16.27
C CYS A 559 -12.49 -11.30 16.56
N ILE A 560 -12.91 -10.99 17.77
CA ILE A 560 -14.36 -11.04 18.09
C ILE A 560 -15.14 -10.12 17.15
N GLU A 561 -14.64 -8.90 16.95
CA GLU A 561 -15.37 -7.95 16.14
C GLU A 561 -15.17 -8.18 14.67
N ALA A 562 -13.99 -8.63 14.26
CA ALA A 562 -13.78 -8.93 12.84
C ALA A 562 -14.64 -10.10 12.38
N ALA A 563 -14.72 -11.14 13.20
CA ALA A 563 -15.58 -12.29 12.90
C ALA A 563 -17.03 -11.84 12.75
N ALA A 564 -17.48 -10.91 13.59
CA ALA A 564 -18.85 -10.45 13.50
C ALA A 564 -19.05 -9.65 12.22
N ARG A 565 -18.07 -8.84 11.82
CA ARG A 565 -18.21 -8.10 10.55
C ARG A 565 -18.29 -9.04 9.36
N ILE A 566 -17.50 -10.10 9.37
CA ILE A 566 -17.52 -11.05 8.26
C ILE A 566 -18.84 -11.83 8.23
N ARG A 567 -19.30 -12.27 9.39
CA ARG A 567 -20.59 -12.97 9.48
C ARG A 567 -21.73 -12.13 8.95
N GLU A 568 -21.81 -10.89 9.42
CA GLU A 568 -22.91 -10.01 9.03
C GLU A 568 -22.74 -9.58 7.59
N GLY A 569 -21.52 -9.33 7.16
CA GLY A 569 -21.29 -8.94 5.79
C GLY A 569 -21.60 -10.05 4.81
N MET A 570 -21.21 -11.29 5.13
CA MET A 570 -21.49 -12.39 4.22
C MET A 570 -22.99 -12.72 4.17
N ALA A 571 -23.67 -12.60 5.31
CA ALA A 571 -25.11 -12.84 5.36
C ALA A 571 -25.82 -11.80 4.49
N ALA A 572 -25.33 -10.57 4.47
CA ALA A 572 -25.94 -9.51 3.68
C ALA A 572 -25.81 -9.83 2.21
N LEU A 573 -24.70 -10.47 1.82
CA LEU A 573 -24.47 -10.80 0.41
C LEU A 573 -25.25 -12.00 -0.06
N GLN A 574 -25.47 -12.94 0.84
CA GLN A 574 -25.99 -14.24 0.45
C GLN A 574 -27.47 -14.37 0.70
N SER A 575 -27.92 -13.92 1.86
CA SER A 575 -29.26 -14.29 2.33
C SER A 575 -30.21 -13.14 2.64
N ASP A 576 -29.81 -11.91 2.34
CA ASP A 576 -30.60 -10.73 2.71
C ASP A 576 -31.45 -10.28 1.52
N PRO A 577 -32.77 -10.34 1.69
CA PRO A 577 -33.56 -10.06 0.51
C PRO A 577 -33.67 -8.60 0.12
N TRP A 578 -33.19 -7.71 0.98
CA TRP A 578 -33.22 -6.28 0.72
C TRP A 578 -31.91 -5.75 0.14
N GLN A 579 -30.89 -6.59 0.05
CA GLN A 579 -29.62 -6.14 -0.47
C GLN A 579 -29.73 -5.72 -1.91
N GLN A 580 -30.46 -6.45 -2.72
CA GLN A 580 -30.60 -6.06 -4.12
C GLN A 580 -31.40 -4.76 -4.27
N GLU A 581 -32.32 -4.52 -3.35
CA GLU A 581 -33.04 -3.25 -3.33
C GLU A 581 -32.08 -2.09 -3.07
N LEU A 582 -31.16 -2.27 -2.13
CA LEU A 582 -30.19 -1.23 -1.88
C LEU A 582 -29.37 -0.95 -3.13
N TYR A 583 -28.89 -2.00 -3.80
CA TYR A 583 -28.06 -1.79 -4.97
C TYR A 583 -28.78 -1.05 -6.08
N ARG A 584 -30.03 -1.44 -6.33
CA ARG A 584 -30.84 -0.78 -7.35
C ARG A 584 -31.02 0.68 -6.98
N ASN A 585 -31.25 0.95 -5.72
CA ASN A 585 -31.48 2.31 -5.30
C ASN A 585 -30.21 3.16 -5.33
N PHE A 586 -29.05 2.59 -5.00
CA PHE A 586 -27.82 3.36 -5.13
C PHE A 586 -27.69 3.86 -6.56
N LYS A 587 -27.92 2.97 -7.50
CA LYS A 587 -27.78 3.33 -8.91
C LYS A 587 -28.83 4.36 -9.31
N SER A 588 -30.08 4.19 -8.89
CA SER A 588 -31.15 5.13 -9.24
C SER A 588 -30.90 6.51 -8.62
N ILE A 589 -30.52 6.54 -7.36
CA ILE A 589 -30.26 7.82 -6.67
C ILE A 589 -29.12 8.54 -7.38
N SER A 590 -28.03 7.84 -7.63
CA SER A 590 -26.89 8.45 -8.30
C SER A 590 -27.25 8.98 -9.68
N LYS A 591 -28.03 8.20 -10.44
CA LYS A 591 -28.45 8.65 -11.76
C LYS A 591 -29.24 9.95 -11.66
N ALA A 592 -30.10 10.06 -10.67
CA ALA A 592 -30.89 11.27 -10.51
C ALA A 592 -30.03 12.50 -10.16
N LEU A 593 -29.01 12.28 -9.34
CA LEU A 593 -28.05 13.34 -8.97
C LEU A 593 -27.31 13.82 -10.19
N VAL A 594 -26.84 12.87 -11.01
CA VAL A 594 -26.10 13.20 -12.19
C VAL A 594 -26.96 13.98 -13.20
N GLU A 595 -28.22 13.58 -13.35
CA GLU A 595 -29.13 14.31 -14.24
C GLU A 595 -29.32 15.75 -13.79
N ARG A 596 -29.35 15.98 -12.49
CA ARG A 596 -29.57 17.30 -11.93
C ARG A 596 -28.32 18.14 -11.82
N GLY A 597 -27.17 17.49 -11.63
CA GLY A 597 -25.91 18.18 -11.34
C GLY A 597 -25.67 18.42 -9.88
N GLY A 598 -26.41 17.72 -9.02
CA GLY A 598 -26.25 17.85 -7.59
C GLY A 598 -27.49 17.37 -6.88
N VAL A 599 -27.66 17.78 -5.64
CA VAL A 599 -28.81 17.39 -4.85
C VAL A 599 -30.10 17.73 -5.60
N VAL A 600 -31.04 16.79 -5.62
CA VAL A 600 -32.27 16.92 -6.39
C VAL A 600 -33.35 17.70 -5.63
N THR A 601 -33.45 17.38 -4.34
CA THR A 601 -34.40 18.02 -3.47
C THR A 601 -33.98 19.45 -3.17
N SER A 602 -34.96 20.32 -3.00
CA SER A 602 -34.75 21.61 -2.34
C SER A 602 -34.73 21.37 -0.83
N ASN A 603 -34.61 22.45 -0.07
CA ASN A 603 -34.83 22.36 1.35
C ASN A 603 -36.36 22.28 1.57
N PRO A 604 -36.80 22.01 2.80
CA PRO A 604 -38.21 21.82 3.03
C PRO A 604 -39.12 22.97 2.64
N LEU A 605 -38.57 24.18 2.52
CA LEU A 605 -39.38 25.33 2.18
C LEU A 605 -39.66 25.38 0.68
N GLY A 606 -38.80 24.71 -0.09
CA GLY A 606 -38.98 24.63 -1.53
C GLY A 606 -38.30 25.71 -2.35
N PHE A 607 -37.51 26.57 -1.72
CA PHE A 607 -36.79 27.62 -2.44
C PHE A 607 -35.58 28.06 -1.66
C1 EDO B . -13.14 -1.62 -15.57
O1 EDO B . -13.52 -2.87 -15.00
C2 EDO B . -14.17 -0.55 -15.18
O2 EDO B . -14.61 -0.77 -13.83
C1 EDO C . 17.42 19.54 -10.11
O1 EDO C . 17.78 18.72 -11.22
C2 EDO C . 16.20 20.37 -10.45
O2 EDO C . 15.81 20.11 -11.81
PA FAD D . -8.98 8.67 -11.12
O1A FAD D . -9.57 9.66 -12.13
O2A FAD D . -8.27 7.46 -11.58
O5B FAD D . -10.10 8.22 -10.13
C5B FAD D . -11.08 9.10 -9.61
C4B FAD D . -12.00 8.33 -8.68
O4B FAD D . -12.70 7.31 -9.43
C3B FAD D . -11.25 7.60 -7.58
O3B FAD D . -12.10 7.52 -6.40
C2B FAD D . -11.09 6.21 -8.14
O2B FAD D . -11.02 5.22 -7.10
C1B FAD D . -12.39 6.05 -8.86
N9A FAD D . -12.39 5.10 -9.98
C8A FAD D . -11.58 5.19 -11.09
N7A FAD D . -11.86 4.16 -11.90
C5A FAD D . -12.83 3.42 -11.32
C6A FAD D . -13.51 2.25 -11.68
N6A FAD D . -13.22 1.59 -12.83
N1A FAD D . -14.44 1.78 -10.87
C2A FAD D . -14.72 2.41 -9.72
N3A FAD D . -14.12 3.53 -9.31
C4A FAD D . -13.17 4.03 -10.11
N1 FAD D . 1.66 9.55 -9.86
C2 FAD D . 2.85 9.19 -10.42
O2 FAD D . 2.87 8.60 -11.52
N3 FAD D . 4.02 9.44 -9.73
C4 FAD D . 4.04 10.06 -8.51
O4 FAD D . 5.13 10.30 -7.98
C4X FAD D . 2.82 10.43 -7.95
N5 FAD D . 2.75 11.06 -6.72
C5X FAD D . 1.61 11.75 -6.41
C6 FAD D . 1.63 12.73 -5.43
C7 FAD D . 0.51 13.48 -5.10
C7M FAD D . 0.61 14.52 -3.99
C8 FAD D . -0.66 13.26 -5.80
C8M FAD D . -1.91 14.09 -5.49
C9 FAD D . -0.71 12.30 -6.78
C9A FAD D . 0.42 11.55 -7.10
N10 FAD D . 0.40 10.56 -8.13
C10 FAD D . 1.63 10.18 -8.65
C1' FAD D . -0.87 10.31 -8.83
C2' FAD D . -1.78 9.39 -8.04
O2' FAD D . -1.25 8.08 -8.04
C3' FAD D . -3.15 9.42 -8.72
O3' FAD D . -3.78 10.65 -8.31
C4' FAD D . -4.02 8.26 -8.36
O4' FAD D . -3.52 7.12 -9.07
C5' FAD D . -5.48 8.52 -8.75
O5' FAD D . -5.63 8.82 -10.14
P FAD D . -6.57 10.06 -10.45
O1P FAD D . -6.28 11.24 -9.49
O2P FAD D . -6.40 10.34 -11.90
O3P FAD D . -8.05 9.54 -10.15
C1 TH3 E . -2.20 2.94 -10.92
C2 TH3 E . -1.37 3.32 -9.69
O2 TH3 E . -1.32 2.60 -8.69
N3 TH3 E . -0.71 4.48 -9.78
C4 TH3 E . 0.14 4.98 -8.68
C5 TH3 E . 1.02 6.11 -9.19
S6 TH3 E . 2.60 6.26 -8.29
C7 TH3 E . 2.15 7.12 -6.92
O7 TH3 E . 0.96 7.41 -6.81
C8 TH3 E . 3.16 7.46 -6.01
C9 TH3 E . 2.97 8.17 -4.83
C10 TH3 E . 4.07 8.41 -4.01
C11 TH3 E . 4.28 7.15 -3.14
C12 TH3 E . 5.67 7.07 -2.51
C13 TH3 E . 5.93 5.68 -1.91
C14 TH3 E . 6.05 5.75 -0.38
C15 TH3 E . 6.24 4.36 0.25
C16 TH3 E . 7.19 4.39 1.46
C17 TH3 E . 6.94 5.62 2.33
C18 TH3 E . 8.12 5.88 3.29
C19 TH3 E . 9.48 5.58 2.65
C20 TH3 E . 10.63 6.18 3.46
C21 TH3 E . 11.98 5.84 2.82
C22 TH3 E . 13.15 6.11 3.77
#